data_5F2H
#
_entry.id   5F2H
#
_cell.length_a   71.067
_cell.length_b   42.176
_cell.length_c   106.032
_cell.angle_alpha   90.00
_cell.angle_beta   92.45
_cell.angle_gamma   90.00
#
_symmetry.space_group_name_H-M   'P 1 21 1'
#
loop_
_entity.id
_entity.type
_entity.pdbx_description
1 polymer 'Uncharacterized protein'
2 non-polymer 2-AMINO-2-HYDROXYMETHYL-PROPANE-1,3-DIOL
3 water water
#
_entity_poly.entity_id   1
_entity_poly.type   'polypeptide(L)'
_entity_poly.pdbx_seq_one_letter_code
;SNA(MSE)KNS(MSE)TYIQLLNETLHCYASKGSLEAYTYI(MSE)EHAKGIVGNEAQIYNFKYALASAAGLEEEA
(MSE)HV(MSE)KEAIIEKGFWYGNEYLISDDDLKPLHKFEEFHQ(MSE)VQLCKEREELAKKTERADVKYIDSKKKEKL
FIA(MSE)HGDQENIAIVEPYWKSVLDQDYTLALPQSSQIQFSDGFVWDDIQRGKEELKEHYVKFIENHRGESVIIGGFS
AGARVALYTILHKDIDVDGFIF(MSE)APWLPEIDEWNELLEVLQDKNIKGYVVCGDQDEDCFECTQQFVQVLKDKNIEH
EFKVVPNLKHDYPEDFDELLKEAIKYIEDKSNK
;
_entity_poly.pdbx_strand_id   A,B
#
# COMPACT_ATOMS: atom_id res chain seq x y z
N THR A 9 -0.43 -23.35 23.87
CA THR A 9 -1.54 -22.39 23.67
C THR A 9 -2.81 -22.83 24.36
N TYR A 10 -3.76 -21.92 24.38
CA TYR A 10 -5.08 -22.19 24.98
C TYR A 10 -5.69 -23.44 24.32
N ILE A 11 -5.62 -23.52 23.01
CA ILE A 11 -6.18 -24.65 22.29
C ILE A 11 -5.43 -25.95 22.53
N GLN A 12 -4.11 -25.89 22.60
CA GLN A 12 -3.35 -27.11 22.85
C GLN A 12 -3.74 -27.63 24.22
N LEU A 13 -3.77 -26.74 25.19
CA LEU A 13 -4.14 -27.17 26.53
C LEU A 13 -5.48 -27.88 26.46
N LEU A 14 -6.49 -27.20 25.94
CA LEU A 14 -7.85 -27.79 25.85
C LEU A 14 -7.90 -29.12 25.09
N ASN A 15 -7.18 -29.21 23.98
CA ASN A 15 -7.20 -30.47 23.21
C ASN A 15 -6.53 -31.63 23.93
N GLU A 16 -5.34 -31.40 24.45
CA GLU A 16 -4.62 -32.45 25.14
C GLU A 16 -5.36 -32.85 26.43
N THR A 17 -6.02 -31.89 27.08
CA THR A 17 -6.74 -32.23 28.29
C THR A 17 -7.83 -33.24 27.88
N LEU A 18 -8.65 -32.91 26.87
CA LEU A 18 -9.71 -33.82 26.40
C LEU A 18 -9.07 -35.16 26.02
N HIS A 19 -8.06 -35.15 25.17
CA HIS A 19 -7.40 -36.38 24.80
C HIS A 19 -7.19 -37.24 26.04
N CYS A 20 -6.57 -36.65 27.06
CA CYS A 20 -6.28 -37.33 28.30
C CYS A 20 -7.54 -37.89 29.01
N TYR A 21 -8.68 -37.24 28.80
CA TYR A 21 -9.94 -37.69 29.41
C TYR A 21 -10.30 -39.04 28.81
N ALA A 22 -10.17 -39.14 27.49
CA ALA A 22 -10.48 -40.38 26.77
C ALA A 22 -9.39 -41.42 27.02
N SER A 23 -8.13 -41.00 26.88
CA SER A 23 -6.97 -41.89 27.07
C SER A 23 -6.97 -42.46 28.47
N LYS A 24 -6.89 -41.58 29.46
CA LYS A 24 -6.87 -41.97 30.86
C LYS A 24 -8.21 -41.57 31.46
N GLY A 25 -8.35 -41.59 32.78
CA GLY A 25 -9.63 -41.21 33.39
C GLY A 25 -9.87 -39.72 33.50
N SER A 26 -10.99 -39.37 34.14
CA SER A 26 -11.34 -37.97 34.37
C SER A 26 -10.41 -37.43 35.49
N LEU A 27 -9.85 -38.33 36.29
CA LEU A 27 -8.94 -37.94 37.37
C LEU A 27 -7.60 -37.48 36.81
N GLU A 28 -7.08 -38.25 35.87
CA GLU A 28 -5.80 -37.95 35.25
C GLU A 28 -5.88 -36.69 34.44
N ALA A 29 -6.99 -36.52 33.73
CA ALA A 29 -7.21 -35.35 32.90
C ALA A 29 -7.29 -34.11 33.77
N TYR A 30 -7.88 -34.26 34.96
CA TYR A 30 -8.00 -33.16 35.92
C TYR A 30 -6.60 -32.81 36.37
N THR A 31 -5.85 -33.86 36.73
CA THR A 31 -4.49 -33.67 37.13
C THR A 31 -3.68 -33.01 36.02
N TYR A 32 -3.97 -33.36 34.77
CA TYR A 32 -3.23 -32.78 33.66
C TYR A 32 -3.44 -31.28 33.54
N ILE A 33 -4.69 -30.86 33.44
CA ILE A 33 -5.01 -29.45 33.28
C ILE A 33 -4.54 -28.63 34.48
N GLU A 35 -1.77 -28.88 36.27
CA GLU A 35 -0.37 -28.48 36.06
C GLU A 35 -0.06 -27.70 34.76
N HIS A 36 -0.83 -27.88 33.70
CA HIS A 36 -0.53 -27.17 32.46
C HIS A 36 -1.32 -25.89 32.23
N ALA A 37 -2.40 -25.68 32.97
CA ALA A 37 -3.20 -24.46 32.78
C ALA A 37 -2.51 -23.19 33.22
N LYS A 38 -1.70 -23.31 34.26
CA LYS A 38 -0.98 -22.16 34.83
C LYS A 38 -0.16 -21.37 33.83
N GLY A 39 -0.54 -20.11 33.66
CA GLY A 39 0.12 -19.19 32.76
C GLY A 39 -0.54 -18.98 31.42
N ILE A 40 -1.29 -19.97 30.98
CA ILE A 40 -1.97 -19.91 29.70
C ILE A 40 -3.07 -18.87 29.62
N VAL A 41 -2.90 -17.98 28.64
CA VAL A 41 -3.85 -16.90 28.38
C VAL A 41 -5.01 -17.49 27.55
N GLY A 42 -6.20 -16.91 27.69
CA GLY A 42 -7.36 -17.38 26.96
C GLY A 42 -8.49 -17.63 27.94
N ASN A 43 -9.70 -17.44 27.44
CA ASN A 43 -10.92 -17.61 28.22
C ASN A 43 -10.82 -18.45 29.52
N GLU A 44 -10.73 -17.76 30.66
CA GLU A 44 -10.63 -18.43 31.94
C GLU A 44 -11.89 -19.20 32.28
N ALA A 45 -13.03 -18.60 31.99
CA ALA A 45 -14.32 -19.23 32.26
C ALA A 45 -14.31 -20.65 31.73
N GLN A 46 -13.89 -20.80 30.49
CA GLN A 46 -13.80 -22.10 29.83
C GLN A 46 -12.80 -23.00 30.54
N ILE A 47 -11.69 -22.42 31.00
CA ILE A 47 -10.69 -23.18 31.74
C ILE A 47 -11.27 -23.67 33.08
N TYR A 48 -12.00 -22.80 33.79
CA TYR A 48 -12.60 -23.21 35.05
C TYR A 48 -13.65 -24.27 34.86
N ASN A 49 -14.47 -24.13 33.81
CA ASN A 49 -15.50 -25.13 33.54
C ASN A 49 -14.80 -26.46 33.43
N PHE A 50 -13.78 -26.56 32.57
CA PHE A 50 -13.05 -27.82 32.45
C PHE A 50 -12.57 -28.34 33.80
N LYS A 51 -11.97 -27.47 34.62
CA LYS A 51 -11.47 -27.90 35.92
C LYS A 51 -12.49 -28.50 36.84
N TYR A 52 -13.54 -27.77 37.16
CA TYR A 52 -14.54 -28.32 38.07
C TYR A 52 -15.34 -29.47 37.49
N ALA A 53 -15.56 -29.47 36.18
CA ALA A 53 -16.30 -30.56 35.57
C ALA A 53 -15.48 -31.84 35.73
N LEU A 54 -14.19 -31.76 35.44
CA LEU A 54 -13.32 -32.93 35.60
C LEU A 54 -13.23 -33.36 37.09
N ALA A 55 -13.19 -32.37 37.99
CA ALA A 55 -13.11 -32.64 39.42
C ALA A 55 -14.31 -33.43 39.86
N SER A 56 -15.48 -32.89 39.55
CA SER A 56 -16.73 -33.51 39.91
C SER A 56 -16.83 -34.90 39.30
N ALA A 57 -16.50 -35.01 38.00
CA ALA A 57 -16.59 -36.30 37.32
C ALA A 57 -15.73 -37.31 38.01
N ALA A 58 -14.47 -36.94 38.28
CA ALA A 58 -13.50 -37.82 38.95
C ALA A 58 -13.92 -38.28 40.35
N GLY A 59 -14.73 -37.48 41.03
CA GLY A 59 -15.19 -37.82 42.37
C GLY A 59 -14.64 -36.87 43.43
N LEU A 60 -13.95 -35.82 42.98
CA LEU A 60 -13.38 -34.82 43.87
C LEU A 60 -14.41 -33.73 43.97
N GLU A 61 -15.48 -34.06 44.65
CA GLU A 61 -16.61 -33.17 44.84
C GLU A 61 -16.25 -31.87 45.55
N GLU A 62 -15.50 -31.98 46.64
CA GLU A 62 -15.11 -30.82 47.41
C GLU A 62 -14.22 -29.87 46.61
N GLU A 63 -13.23 -30.43 45.92
CA GLU A 63 -12.35 -29.61 45.10
C GLU A 63 -13.23 -28.86 44.10
N ALA A 64 -14.07 -29.60 43.37
CA ALA A 64 -14.99 -29.01 42.38
C ALA A 64 -15.78 -27.81 42.94
N HIS A 66 -15.11 -25.55 45.33
CA HIS A 66 -14.33 -24.31 45.43
C HIS A 66 -13.94 -23.78 44.05
N VAL A 67 -13.73 -24.71 43.12
CA VAL A 67 -13.32 -24.32 41.78
C VAL A 67 -14.48 -23.53 41.24
N LYS A 69 -17.02 -22.16 42.95
CA LYS A 69 -17.15 -20.90 43.72
C LYS A 69 -16.26 -19.80 43.21
N GLU A 70 -14.98 -20.10 43.07
CA GLU A 70 -14.05 -19.11 42.59
C GLU A 70 -14.56 -18.50 41.27
N ALA A 71 -14.64 -19.35 40.25
CA ALA A 71 -15.12 -18.96 38.92
C ALA A 71 -16.35 -18.07 38.92
N ILE A 72 -17.38 -18.54 39.61
CA ILE A 72 -18.63 -17.81 39.67
C ILE A 72 -18.70 -16.72 40.72
N ILE A 73 -18.24 -16.99 41.93
CA ILE A 73 -18.28 -15.98 42.97
C ILE A 73 -17.21 -14.93 42.80
N GLU A 74 -15.96 -15.35 43.01
CA GLU A 74 -14.81 -14.48 42.94
C GLU A 74 -14.56 -13.83 41.57
N LYS A 75 -14.59 -14.61 40.50
CA LYS A 75 -14.37 -14.03 39.16
C LYS A 75 -15.63 -13.58 38.41
N GLY A 76 -16.79 -13.89 38.98
CA GLY A 76 -18.05 -13.47 38.37
C GLY A 76 -18.46 -14.01 37.01
N PHE A 77 -18.04 -15.22 36.64
CA PHE A 77 -18.42 -15.75 35.34
C PHE A 77 -19.75 -16.47 35.49
N TRP A 78 -20.33 -16.90 34.37
CA TRP A 78 -21.59 -17.65 34.41
C TRP A 78 -21.59 -18.69 33.28
N TYR A 79 -22.42 -19.72 33.43
CA TYR A 79 -22.54 -20.78 32.45
C TYR A 79 -24.02 -21.10 32.18
N GLY A 80 -24.29 -21.76 31.06
CA GLY A 80 -25.65 -22.14 30.66
C GLY A 80 -26.46 -22.84 31.74
N ASN A 81 -27.72 -22.46 31.86
CA ASN A 81 -28.57 -23.05 32.87
C ASN A 81 -28.78 -24.50 32.55
N GLU A 82 -29.15 -24.79 31.30
CA GLU A 82 -29.40 -26.17 30.89
C GLU A 82 -28.16 -27.01 31.15
N TYR A 83 -27.00 -26.54 30.70
CA TYR A 83 -25.79 -27.27 30.97
C TYR A 83 -25.67 -27.54 32.46
N LEU A 84 -25.69 -26.47 33.26
CA LEU A 84 -25.58 -26.61 34.69
C LEU A 84 -26.47 -27.67 35.31
N ILE A 85 -27.79 -27.59 35.05
CA ILE A 85 -28.70 -28.57 35.64
C ILE A 85 -28.83 -29.87 34.85
N SER A 86 -28.03 -30.07 33.79
CA SER A 86 -28.12 -31.31 33.01
C SER A 86 -26.82 -32.04 32.72
N ASP A 87 -25.66 -31.40 32.92
CA ASP A 87 -24.42 -32.09 32.63
C ASP A 87 -24.31 -33.21 33.66
N ASP A 88 -24.09 -34.42 33.17
CA ASP A 88 -23.98 -35.58 34.04
C ASP A 88 -22.79 -35.49 34.97
N ASP A 89 -21.66 -34.99 34.46
CA ASP A 89 -20.45 -34.87 35.28
C ASP A 89 -20.63 -34.00 36.53
N LEU A 90 -21.67 -33.18 36.54
CA LEU A 90 -21.96 -32.29 37.65
C LEU A 90 -23.01 -32.80 38.63
N LYS A 91 -23.64 -33.94 38.34
CA LYS A 91 -24.68 -34.46 39.22
C LYS A 91 -24.25 -34.59 40.71
N PRO A 92 -23.03 -35.09 40.95
CA PRO A 92 -22.55 -35.23 42.34
C PRO A 92 -22.56 -33.96 43.18
N LEU A 93 -22.77 -32.81 42.53
CA LEU A 93 -22.78 -31.52 43.19
C LEU A 93 -24.17 -31.06 43.66
N HIS A 94 -25.23 -31.65 43.11
CA HIS A 94 -26.61 -31.26 43.51
C HIS A 94 -26.90 -31.39 44.99
N LYS A 95 -26.15 -32.24 45.68
CA LYS A 95 -26.34 -32.40 47.12
C LYS A 95 -26.09 -31.06 47.81
N PHE A 96 -25.04 -30.37 47.37
CA PHE A 96 -24.64 -29.11 47.98
C PHE A 96 -25.57 -27.93 47.75
N GLU A 97 -25.80 -27.17 48.82
CA GLU A 97 -26.66 -25.99 48.74
C GLU A 97 -25.90 -24.88 48.01
N GLU A 98 -24.57 -24.84 48.21
CA GLU A 98 -23.78 -23.82 47.53
C GLU A 98 -23.93 -23.98 46.04
N PHE A 99 -24.17 -25.22 45.61
CA PHE A 99 -24.37 -25.50 44.19
C PHE A 99 -25.62 -24.81 43.67
N HIS A 100 -26.72 -24.88 44.42
CA HIS A 100 -27.94 -24.22 43.98
C HIS A 100 -27.74 -22.72 43.93
N GLN A 101 -26.90 -22.20 44.82
CA GLN A 101 -26.58 -20.77 44.85
C GLN A 101 -25.91 -20.34 43.54
N VAL A 103 -26.01 -22.00 40.64
CA VAL A 103 -27.02 -22.17 39.59
C VAL A 103 -27.85 -20.92 39.43
N GLN A 104 -28.42 -20.49 40.55
CA GLN A 104 -29.26 -19.31 40.58
C GLN A 104 -28.50 -18.05 40.20
N LEU A 105 -27.26 -17.95 40.66
CA LEU A 105 -26.47 -16.80 40.35
C LEU A 105 -26.19 -16.74 38.85
N CYS A 106 -25.86 -17.88 38.25
CA CYS A 106 -25.62 -17.94 36.80
C CYS A 106 -26.87 -17.64 35.98
N LYS A 107 -28.02 -18.18 36.41
CA LYS A 107 -29.28 -17.99 35.70
C LYS A 107 -29.53 -16.48 35.53
N GLU A 108 -29.31 -15.73 36.60
CA GLU A 108 -29.48 -14.27 36.56
C GLU A 108 -28.56 -13.65 35.52
N ARG A 109 -27.26 -13.91 35.67
CA ARG A 109 -26.25 -13.37 34.75
C ARG A 109 -26.53 -13.82 33.32
N GLU A 110 -27.11 -15.00 33.14
CA GLU A 110 -27.43 -15.51 31.82
C GLU A 110 -28.61 -14.79 31.20
N GLU A 111 -29.71 -14.68 31.93
CA GLU A 111 -30.90 -14.00 31.43
C GLU A 111 -30.54 -12.62 30.93
N LEU A 112 -29.74 -11.93 31.74
CA LEU A 112 -29.26 -10.59 31.44
C LEU A 112 -28.37 -10.57 30.20
N ALA A 113 -27.41 -11.48 30.18
CA ALA A 113 -26.47 -11.58 29.07
C ALA A 113 -27.09 -11.94 27.74
N LYS A 114 -28.13 -12.77 27.78
CA LYS A 114 -28.74 -13.22 26.57
C LYS A 114 -29.69 -12.18 25.95
N LYS A 115 -30.39 -11.41 26.79
CA LYS A 115 -31.25 -10.38 26.22
C LYS A 115 -30.36 -9.29 25.63
N THR A 116 -29.15 -9.18 26.16
CA THR A 116 -28.15 -8.19 25.75
C THR A 116 -27.19 -8.60 24.62
N GLU A 117 -27.38 -9.78 24.03
CA GLU A 117 -26.49 -10.20 22.94
C GLU A 117 -26.33 -9.04 21.95
N ARG A 118 -25.14 -8.90 21.40
CA ARG A 118 -24.88 -7.83 20.42
C ARG A 118 -23.58 -8.13 19.69
N ALA A 119 -23.52 -7.74 18.42
CA ALA A 119 -22.33 -7.94 17.63
C ALA A 119 -21.27 -6.96 18.12
N ASP A 120 -20.02 -7.31 17.87
CA ASP A 120 -18.92 -6.48 18.26
C ASP A 120 -17.81 -6.85 17.29
N VAL A 121 -16.88 -5.94 17.08
CA VAL A 121 -15.77 -6.19 16.20
C VAL A 121 -14.61 -5.35 16.67
N LYS A 122 -13.40 -5.84 16.41
CA LYS A 122 -12.20 -5.16 16.77
C LYS A 122 -11.39 -5.01 15.54
N TYR A 123 -11.02 -3.78 15.21
CA TYR A 123 -10.16 -3.53 14.05
C TYR A 123 -8.75 -3.27 14.54
N ILE A 124 -7.80 -3.73 13.76
CA ILE A 124 -6.40 -3.54 14.05
C ILE A 124 -5.78 -3.04 12.75
N ASP A 125 -5.80 -1.73 12.59
CA ASP A 125 -5.26 -1.05 11.40
C ASP A 125 -3.77 -1.31 11.16
N SER A 126 -3.36 -1.21 9.90
CA SER A 126 -1.98 -1.41 9.50
C SER A 126 -1.14 -0.14 9.73
N LYS A 129 1.64 4.20 6.17
CA LYS A 129 3.01 4.30 5.71
C LYS A 129 3.44 5.75 5.43
N GLU A 130 2.79 6.38 4.45
CA GLU A 130 3.06 7.76 4.06
C GLU A 130 4.41 7.89 3.36
N LYS A 131 4.40 7.70 2.04
CA LYS A 131 5.61 7.76 1.23
C LYS A 131 5.66 9.04 0.40
N LEU A 132 6.86 9.55 0.15
CA LEU A 132 7.00 10.78 -0.62
C LEU A 132 7.91 10.62 -1.81
N PHE A 133 7.57 11.30 -2.90
CA PHE A 133 8.37 11.27 -4.09
C PHE A 133 8.47 12.69 -4.58
N ILE A 134 9.69 13.18 -4.80
CA ILE A 134 9.83 14.54 -5.27
C ILE A 134 10.45 14.54 -6.63
N ALA A 135 9.77 15.12 -7.61
CA ALA A 135 10.29 15.18 -8.98
C ALA A 135 10.69 16.61 -9.28
N HIS A 137 11.57 19.28 -12.21
CA HIS A 137 11.51 19.67 -13.62
C HIS A 137 12.87 20.16 -14.14
N GLY A 138 12.99 20.18 -15.47
CA GLY A 138 14.20 20.63 -16.17
C GLY A 138 14.20 22.11 -16.40
N ASP A 139 15.30 22.65 -16.94
CA ASP A 139 15.31 24.06 -17.17
C ASP A 139 14.26 24.40 -18.20
N GLN A 140 13.67 25.59 -18.05
CA GLN A 140 12.67 26.09 -18.96
C GLN A 140 11.36 25.30 -18.97
N GLU A 141 11.05 24.69 -17.84
CA GLU A 141 9.85 23.93 -17.68
C GLU A 141 9.05 24.51 -16.51
N ASN A 142 8.15 23.71 -15.97
CA ASN A 142 7.31 24.10 -14.87
C ASN A 142 6.55 22.87 -14.41
N ILE A 143 5.54 23.07 -13.56
CA ILE A 143 4.78 21.94 -13.02
C ILE A 143 3.87 21.25 -14.05
N ALA A 144 3.30 22.01 -14.97
CA ALA A 144 2.44 21.40 -15.94
C ALA A 144 3.18 20.43 -16.84
N ILE A 145 4.36 20.86 -17.26
CA ILE A 145 5.20 20.09 -18.17
C ILE A 145 5.85 18.84 -17.61
N VAL A 146 6.12 18.84 -16.33
CA VAL A 146 6.80 17.72 -15.74
C VAL A 146 5.85 16.73 -15.10
N GLU A 147 4.68 17.19 -14.70
CA GLU A 147 3.73 16.31 -14.04
C GLU A 147 3.39 15.02 -14.82
N PRO A 148 3.11 15.12 -16.12
CA PRO A 148 2.76 13.90 -16.86
C PRO A 148 3.77 12.75 -16.82
N TYR A 149 5.06 13.06 -16.74
CA TYR A 149 6.09 12.03 -16.71
C TYR A 149 6.31 11.39 -15.34
N TRP A 150 5.79 11.98 -14.27
CA TRP A 150 5.99 11.41 -12.94
C TRP A 150 4.69 11.10 -12.21
N LYS A 151 3.57 11.25 -12.91
CA LYS A 151 2.23 11.01 -12.34
C LYS A 151 2.03 9.57 -11.87
N SER A 152 2.62 8.62 -12.61
CA SER A 152 2.49 7.18 -12.29
C SER A 152 3.13 6.68 -10.98
N VAL A 153 3.64 7.57 -10.13
CA VAL A 153 4.22 7.17 -8.85
C VAL A 153 3.12 6.95 -7.81
N LEU A 154 1.92 7.43 -8.10
CA LEU A 154 0.78 7.27 -7.20
C LEU A 154 0.40 5.79 -7.15
N ASP A 155 0.65 5.09 -8.25
CA ASP A 155 0.39 3.66 -8.38
C ASP A 155 1.23 2.83 -7.43
N GLN A 156 2.25 3.45 -6.83
CA GLN A 156 3.14 2.77 -5.89
C GLN A 156 2.98 3.37 -4.49
N ASP A 157 1.81 3.97 -4.28
CA ASP A 157 1.43 4.57 -3.01
C ASP A 157 2.30 5.75 -2.59
N TYR A 158 2.81 6.51 -3.55
CA TYR A 158 3.66 7.68 -3.25
C TYR A 158 2.99 9.02 -3.47
N THR A 159 3.12 9.89 -2.47
CA THR A 159 2.58 11.24 -2.55
C THR A 159 3.58 11.96 -3.45
N LEU A 160 3.10 12.65 -4.49
CA LEU A 160 3.99 13.33 -5.43
C LEU A 160 4.09 14.80 -5.22
N ALA A 161 5.31 15.26 -4.96
CA ALA A 161 5.58 16.67 -4.74
C ALA A 161 6.31 17.17 -5.96
N LEU A 162 5.82 18.23 -6.59
CA LEU A 162 6.45 18.80 -7.78
C LEU A 162 6.81 20.23 -7.46
N PRO A 163 8.09 20.46 -7.09
CA PRO A 163 8.52 21.82 -6.78
C PRO A 163 8.80 22.61 -8.03
N GLN A 164 8.61 23.92 -7.96
CA GLN A 164 8.87 24.79 -9.08
C GLN A 164 9.89 25.82 -8.61
N SER A 165 10.92 26.03 -9.42
CA SER A 165 11.95 26.96 -9.08
C SER A 165 11.42 28.37 -9.14
N SER A 166 11.98 29.21 -8.28
CA SER A 166 11.59 30.58 -8.25
C SER A 166 12.29 31.37 -9.37
N GLN A 167 13.33 30.78 -9.97
CA GLN A 167 14.12 31.47 -11.00
C GLN A 167 13.42 31.44 -12.36
N ILE A 168 12.72 32.51 -12.66
CA ILE A 168 11.94 32.64 -13.91
C ILE A 168 12.77 33.26 -15.01
N GLN A 169 12.71 32.68 -16.21
CA GLN A 169 13.46 33.15 -17.40
C GLN A 169 12.55 33.79 -18.47
N PHE A 170 11.30 33.36 -18.51
CA PHE A 170 10.30 33.88 -19.43
C PHE A 170 8.97 33.35 -18.95
N SER A 171 7.88 33.88 -19.50
CA SER A 171 6.53 33.47 -19.12
C SER A 171 6.39 31.96 -18.94
N ASP A 172 6.07 31.53 -17.72
CA ASP A 172 5.88 30.11 -17.39
C ASP A 172 7.09 29.19 -17.60
N GLY A 173 8.28 29.76 -17.75
CA GLY A 173 9.52 28.97 -17.95
C GLY A 173 10.43 29.19 -16.75
N PHE A 174 10.80 28.12 -16.06
CA PHE A 174 11.62 28.24 -14.86
C PHE A 174 12.96 27.45 -14.95
N VAL A 175 13.99 27.94 -14.26
CA VAL A 175 15.33 27.30 -14.32
C VAL A 175 16.07 27.12 -12.99
N TRP A 176 17.01 26.19 -13.02
CA TRP A 176 17.85 25.87 -11.85
C TRP A 176 19.29 26.39 -11.98
N ASP A 177 19.47 27.53 -12.60
CA ASP A 177 20.80 28.13 -12.78
C ASP A 177 21.58 28.21 -11.47
N ASP A 178 21.05 29.02 -10.56
CA ASP A 178 21.61 29.27 -9.25
C ASP A 178 21.27 28.06 -8.44
N ILE A 179 22.14 27.08 -8.50
CA ILE A 179 21.96 25.82 -7.79
C ILE A 179 21.91 25.94 -6.25
N GLN A 180 22.13 27.14 -5.70
CA GLN A 180 22.07 27.33 -4.26
C GLN A 180 20.63 27.55 -3.84
N ARG A 181 19.98 28.51 -4.47
CA ARG A 181 18.57 28.79 -4.17
C ARG A 181 17.79 27.49 -4.36
N GLY A 182 18.13 26.75 -5.40
CA GLY A 182 17.49 25.49 -5.66
C GLY A 182 17.61 24.56 -4.48
N LYS A 183 18.83 24.34 -4.03
CA LYS A 183 19.05 23.45 -2.89
C LYS A 183 18.25 23.95 -1.70
N GLU A 184 18.26 25.26 -1.51
CA GLU A 184 17.55 25.90 -0.40
C GLU A 184 16.08 25.60 -0.44
N GLU A 185 15.45 25.95 -1.56
CA GLU A 185 14.03 25.73 -1.76
C GLU A 185 13.72 24.26 -1.56
N LEU A 186 14.48 23.39 -2.23
CA LEU A 186 14.24 21.97 -2.08
C LEU A 186 14.22 21.54 -0.61
N LYS A 187 15.05 22.16 0.21
CA LYS A 187 15.09 21.85 1.62
C LYS A 187 13.81 22.37 2.28
N GLU A 188 13.45 23.61 1.95
CA GLU A 188 12.26 24.25 2.50
C GLU A 188 11.05 23.37 2.26
N HIS A 189 10.84 22.96 1.01
CA HIS A 189 9.69 22.11 0.69
C HIS A 189 9.72 20.83 1.50
N TYR A 190 10.87 20.17 1.48
CA TYR A 190 11.06 18.92 2.20
C TYR A 190 10.84 19.06 3.69
N VAL A 191 11.47 20.05 4.32
CA VAL A 191 11.29 20.23 5.76
C VAL A 191 9.80 20.37 6.08
N LYS A 192 9.16 21.35 5.46
CA LYS A 192 7.73 21.59 5.63
C LYS A 192 6.92 20.29 5.55
N PHE A 193 7.25 19.44 4.61
CA PHE A 193 6.52 18.20 4.46
C PHE A 193 6.73 17.20 5.60
N ILE A 194 7.97 16.97 6.02
CA ILE A 194 8.22 16.01 7.11
C ILE A 194 7.78 16.52 8.48
N GLU A 195 7.82 17.83 8.71
CA GLU A 195 7.41 18.33 10.02
C GLU A 195 5.97 17.91 10.38
N ASN A 196 5.15 17.62 9.35
CA ASN A 196 3.77 17.15 9.53
C ASN A 196 3.45 15.82 8.82
N HIS A 197 4.46 14.95 8.64
CA HIS A 197 4.23 13.65 7.95
C HIS A 197 5.09 12.43 8.30
N ARG A 198 6.31 12.57 8.85
CA ARG A 198 7.09 11.37 9.21
C ARG A 198 7.35 10.42 8.04
N GLY A 199 7.28 10.98 6.83
CA GLY A 199 7.47 10.24 5.59
C GLY A 199 8.46 9.12 5.76
N GLU A 200 7.99 7.86 5.69
CA GLU A 200 8.90 6.73 5.83
C GLU A 200 9.89 6.51 4.71
N SER A 201 9.42 6.15 3.53
CA SER A 201 10.26 6.13 2.32
C SER A 201 10.23 7.44 1.54
N VAL A 202 11.40 7.84 1.03
CA VAL A 202 11.53 9.07 0.24
C VAL A 202 12.47 8.87 -0.96
N ILE A 203 11.95 9.12 -2.16
CA ILE A 203 12.71 8.97 -3.38
C ILE A 203 12.66 10.28 -4.12
N ILE A 204 13.81 10.78 -4.59
CA ILE A 204 13.79 12.02 -5.32
C ILE A 204 14.18 11.76 -6.73
N GLY A 205 13.41 12.32 -7.66
CA GLY A 205 13.65 12.16 -9.09
C GLY A 205 13.84 13.53 -9.72
N GLY A 206 14.43 13.53 -10.92
CA GLY A 206 14.65 14.79 -11.61
C GLY A 206 15.01 14.56 -13.07
N PHE A 207 14.98 15.66 -13.83
CA PHE A 207 15.27 15.63 -15.26
C PHE A 207 16.26 16.78 -15.56
N SER A 208 17.40 16.47 -16.18
CA SER A 208 18.45 17.46 -16.49
C SER A 208 18.81 18.24 -15.24
N ALA A 209 18.86 19.58 -15.38
CA ALA A 209 19.18 20.48 -14.27
C ALA A 209 18.37 20.16 -13.05
N GLY A 210 17.22 19.56 -13.25
CA GLY A 210 16.41 19.25 -12.12
C GLY A 210 17.13 18.22 -11.33
N ALA A 211 17.60 17.21 -12.02
CA ALA A 211 18.34 16.14 -11.38
C ALA A 211 19.62 16.69 -10.69
N ARG A 212 20.20 17.74 -11.25
CA ARG A 212 21.40 18.33 -10.68
C ARG A 212 21.18 18.84 -9.28
N VAL A 213 20.17 19.70 -9.10
CA VAL A 213 19.86 20.26 -7.79
C VAL A 213 19.51 19.14 -6.84
N ALA A 214 18.81 18.15 -7.36
CA ALA A 214 18.43 17.01 -6.54
C ALA A 214 19.67 16.37 -5.96
N LEU A 215 20.69 16.18 -6.79
CA LEU A 215 21.93 15.56 -6.33
C LEU A 215 22.72 16.49 -5.41
N TYR A 216 22.79 17.78 -5.74
CA TYR A 216 23.53 18.73 -4.92
C TYR A 216 22.95 18.72 -3.52
N THR A 217 21.63 18.82 -3.42
CA THR A 217 20.94 18.82 -2.14
C THR A 217 21.22 17.57 -1.30
N ILE A 218 21.07 16.39 -1.91
CA ILE A 218 21.32 15.15 -1.19
C ILE A 218 22.70 15.13 -0.54
N LEU A 219 23.70 15.53 -1.32
CA LEU A 219 25.08 15.53 -0.88
C LEU A 219 25.41 16.49 0.24
N HIS A 220 24.67 17.59 0.35
CA HIS A 220 24.87 18.52 1.45
C HIS A 220 24.00 18.12 2.61
N LYS A 221 23.57 16.87 2.58
CA LYS A 221 22.70 16.29 3.60
C LYS A 221 21.54 17.19 3.98
N ASP A 222 21.02 17.92 3.00
CA ASP A 222 19.89 18.81 3.22
C ASP A 222 18.57 18.06 3.08
N ILE A 223 18.64 16.78 2.74
CA ILE A 223 17.44 15.98 2.59
C ILE A 223 17.77 14.52 2.64
N ASP A 224 17.05 13.76 3.47
CA ASP A 224 17.27 12.30 3.58
C ASP A 224 16.40 11.57 2.58
N VAL A 225 17.07 10.81 1.74
CA VAL A 225 16.43 10.06 0.67
C VAL A 225 16.84 8.61 0.65
N ASP A 226 15.91 7.73 0.30
CA ASP A 226 16.17 6.30 0.21
C ASP A 226 16.71 5.91 -1.14
N GLY A 227 16.41 6.70 -2.16
CA GLY A 227 16.92 6.43 -3.51
C GLY A 227 16.72 7.63 -4.42
N PHE A 228 17.27 7.59 -5.64
CA PHE A 228 17.10 8.72 -6.53
C PHE A 228 16.96 8.20 -7.95
N ILE A 229 16.08 8.84 -8.73
CA ILE A 229 15.80 8.42 -10.11
C ILE A 229 16.04 9.54 -11.11
N PHE A 230 17.21 9.56 -11.74
CA PHE A 230 17.50 10.62 -12.68
C PHE A 230 17.28 10.26 -14.13
N ALA A 232 18.29 11.69 -17.83
CA ALA A 232 19.15 12.62 -18.54
C ALA A 232 19.69 13.73 -17.66
N PRO A 233 20.24 13.38 -16.49
CA PRO A 233 20.78 14.40 -15.57
C PRO A 233 21.91 15.22 -16.18
N TRP A 234 21.98 16.50 -15.82
CA TRP A 234 23.02 17.43 -16.28
C TRP A 234 23.92 17.68 -15.09
N LEU A 235 25.11 17.08 -15.15
CA LEU A 235 26.10 17.17 -14.07
C LEU A 235 27.44 17.61 -14.61
N PRO A 236 27.61 18.92 -14.85
CA PRO A 236 28.80 19.52 -15.41
C PRO A 236 30.06 19.62 -14.51
N GLU A 237 29.91 19.54 -13.19
CA GLU A 237 31.08 19.60 -12.29
C GLU A 237 31.16 18.27 -11.53
N ILE A 238 30.89 17.17 -12.23
CA ILE A 238 30.93 15.87 -11.57
C ILE A 238 32.29 15.57 -10.91
N ASP A 239 33.38 16.04 -11.50
CA ASP A 239 34.69 15.80 -10.89
C ASP A 239 34.85 16.65 -9.63
N GLU A 240 34.38 17.90 -9.66
CA GLU A 240 34.47 18.80 -8.49
C GLU A 240 33.73 18.23 -7.28
N TRP A 241 32.75 17.36 -7.51
CA TRP A 241 31.99 16.80 -6.39
C TRP A 241 32.51 15.45 -5.90
N ASN A 242 33.72 15.09 -6.28
CA ASN A 242 34.32 13.82 -5.87
C ASN A 242 34.27 13.58 -4.37
N GLU A 243 34.58 14.61 -3.58
CA GLU A 243 34.57 14.45 -2.13
C GLU A 243 33.16 14.26 -1.60
N LEU A 244 32.25 15.15 -2.01
CA LEU A 244 30.87 15.08 -1.56
C LEU A 244 30.11 13.80 -1.99
N LEU A 245 30.54 13.13 -3.06
CA LEU A 245 29.92 11.87 -3.49
C LEU A 245 30.10 10.74 -2.46
N GLU A 246 31.03 10.91 -1.52
CA GLU A 246 31.26 9.94 -0.46
C GLU A 246 29.98 9.67 0.30
N VAL A 247 29.24 10.75 0.53
CA VAL A 247 27.97 10.70 1.25
C VAL A 247 27.06 9.55 0.79
N LEU A 248 27.14 9.17 -0.48
CA LEU A 248 26.30 8.10 -1.01
C LEU A 248 26.64 6.71 -0.46
N GLN A 249 27.87 6.54 0.01
CA GLN A 249 28.30 5.26 0.55
C GLN A 249 28.14 5.24 2.07
N ASP A 250 27.81 6.40 2.67
CA ASP A 250 27.61 6.48 4.13
C ASP A 250 26.30 5.90 4.66
N LYS A 251 25.17 6.39 4.16
CA LYS A 251 23.88 5.92 4.64
C LYS A 251 23.24 4.92 3.67
N ASN A 252 24.00 4.46 2.66
CA ASN A 252 23.52 3.46 1.70
C ASN A 252 22.28 3.60 0.83
N ILE A 253 22.40 4.44 -0.19
CA ILE A 253 21.29 4.87 -1.05
C ILE A 253 21.38 4.19 -2.41
N LYS A 254 20.24 3.83 -3.00
CA LYS A 254 20.20 3.19 -4.33
C LYS A 254 19.89 4.23 -5.43
N GLY A 255 20.54 4.10 -6.59
CA GLY A 255 20.34 5.03 -7.69
C GLY A 255 19.89 4.36 -8.99
N TYR A 256 18.93 4.97 -9.68
CA TYR A 256 18.43 4.44 -10.95
C TYR A 256 18.60 5.60 -11.88
N VAL A 257 19.49 5.47 -12.85
CA VAL A 257 19.78 6.52 -13.80
C VAL A 257 19.43 6.02 -15.20
N VAL A 258 18.81 6.91 -15.99
CA VAL A 258 18.39 6.59 -17.33
C VAL A 258 18.81 7.71 -18.23
N CYS A 259 19.23 7.39 -19.46
CA CYS A 259 19.64 8.41 -20.41
C CYS A 259 19.63 7.82 -21.81
N GLY A 260 19.27 8.65 -22.78
CA GLY A 260 19.20 8.23 -24.17
C GLY A 260 20.51 8.46 -24.91
N ASP A 261 20.88 7.50 -25.75
CA ASP A 261 22.12 7.57 -26.52
C ASP A 261 22.22 8.61 -27.65
N GLN A 262 21.21 9.47 -27.79
CA GLN A 262 21.21 10.52 -28.82
C GLN A 262 21.15 11.88 -28.13
N ASP A 263 21.39 11.89 -26.81
CA ASP A 263 21.32 13.08 -25.99
C ASP A 263 22.66 13.81 -25.97
N GLU A 264 22.85 14.67 -26.98
CA GLU A 264 24.08 15.47 -27.12
C GLU A 264 24.57 16.19 -25.88
N ASP A 265 23.65 16.66 -25.04
CA ASP A 265 24.03 17.39 -23.84
C ASP A 265 24.24 16.57 -22.58
N CYS A 266 23.54 15.46 -22.43
CA CYS A 266 23.65 14.72 -21.17
C CYS A 266 24.13 13.28 -21.16
N PHE A 267 24.59 12.74 -22.27
CA PHE A 267 25.03 11.35 -22.20
C PHE A 267 26.45 11.29 -21.59
N GLU A 268 27.22 12.33 -21.84
CA GLU A 268 28.60 12.44 -21.32
C GLU A 268 28.55 12.45 -19.79
N CYS A 269 28.12 13.57 -19.23
CA CYS A 269 28.04 13.71 -17.77
C CYS A 269 27.30 12.58 -17.08
N THR A 270 26.28 12.03 -17.72
CA THR A 270 25.54 10.95 -17.10
C THR A 270 26.41 9.72 -17.02
N GLN A 271 27.24 9.49 -18.02
CA GLN A 271 28.09 8.29 -17.96
C GLN A 271 29.26 8.52 -17.00
N GLN A 272 29.77 9.75 -16.91
CA GLN A 272 30.88 10.06 -16.00
C GLN A 272 30.41 9.84 -14.59
N PHE A 273 29.18 10.27 -14.33
CA PHE A 273 28.59 10.14 -13.02
C PHE A 273 28.45 8.68 -12.66
N VAL A 274 27.91 7.89 -13.57
CA VAL A 274 27.75 6.45 -13.34
C VAL A 274 29.10 5.80 -13.05
N GLN A 275 30.15 6.32 -13.66
CA GLN A 275 31.49 5.80 -13.45
C GLN A 275 31.91 5.98 -11.99
N VAL A 276 31.63 7.16 -11.44
CA VAL A 276 31.97 7.44 -10.06
C VAL A 276 31.16 6.54 -9.16
N LEU A 277 29.89 6.36 -9.46
CA LEU A 277 29.04 5.51 -8.64
C LEU A 277 29.62 4.10 -8.54
N LYS A 278 30.30 3.65 -9.61
CA LYS A 278 30.92 2.32 -9.61
C LYS A 278 32.22 2.37 -8.79
N ASP A 279 32.99 3.42 -8.98
CA ASP A 279 34.26 3.64 -8.27
C ASP A 279 34.05 3.72 -6.76
N LYS A 280 32.92 4.30 -6.35
CA LYS A 280 32.58 4.49 -4.93
C LYS A 280 31.63 3.37 -4.45
N ASN A 281 31.52 2.31 -5.25
CA ASN A 281 30.68 1.13 -4.99
C ASN A 281 29.31 1.44 -4.40
N ILE A 282 28.55 2.26 -5.11
CA ILE A 282 27.21 2.68 -4.68
C ILE A 282 26.16 1.85 -5.42
N GLU A 283 25.30 1.14 -4.69
CA GLU A 283 24.26 0.33 -5.32
C GLU A 283 23.51 1.16 -6.33
N HIS A 284 23.50 0.76 -7.60
CA HIS A 284 22.76 1.54 -8.60
C HIS A 284 22.51 0.74 -9.85
N GLU A 285 21.85 1.37 -10.83
CA GLU A 285 21.56 0.72 -12.11
C GLU A 285 21.34 1.75 -13.20
N PHE A 286 22.20 1.72 -14.22
CA PHE A 286 22.17 2.64 -15.35
C PHE A 286 21.54 1.99 -16.56
N LYS A 287 20.66 2.72 -17.21
CA LYS A 287 19.98 2.21 -18.37
C LYS A 287 20.01 3.19 -19.54
N VAL A 288 20.64 2.76 -20.63
CA VAL A 288 20.72 3.57 -21.83
C VAL A 288 19.59 3.17 -22.75
N VAL A 289 18.80 4.13 -23.21
CA VAL A 289 17.70 3.81 -24.09
C VAL A 289 18.14 4.16 -25.50
N PRO A 290 18.12 3.19 -26.41
CA PRO A 290 18.55 3.46 -27.77
C PRO A 290 17.66 4.46 -28.54
N ASN A 291 18.29 5.18 -29.46
CA ASN A 291 17.62 6.16 -30.32
C ASN A 291 17.01 7.37 -29.62
N LEU A 292 16.89 7.34 -28.31
CA LEU A 292 16.29 8.44 -27.57
C LEU A 292 17.19 9.66 -27.43
N LYS A 293 16.61 10.85 -27.61
CA LYS A 293 17.36 12.10 -27.47
C LYS A 293 17.14 12.67 -26.06
N HIS A 294 17.11 13.99 -25.92
CA HIS A 294 16.93 14.61 -24.61
C HIS A 294 15.42 14.76 -24.34
N ASP A 295 14.84 13.64 -23.93
CA ASP A 295 13.44 13.51 -23.68
C ASP A 295 13.28 12.23 -22.88
N TYR A 296 12.11 12.00 -22.32
CA TYR A 296 11.88 10.77 -21.56
C TYR A 296 11.53 9.63 -22.53
N PRO A 297 11.82 8.38 -22.15
CA PRO A 297 11.48 7.27 -23.02
C PRO A 297 9.97 7.15 -23.08
N GLU A 298 9.43 6.59 -24.15
CA GLU A 298 7.98 6.51 -24.27
C GLU A 298 7.33 5.53 -23.28
N ASP A 299 8.12 4.59 -22.76
CA ASP A 299 7.63 3.65 -21.75
C ASP A 299 8.31 4.01 -20.41
N PHE A 300 8.42 5.31 -20.14
CA PHE A 300 9.06 5.81 -18.92
C PHE A 300 8.32 5.45 -17.64
N ASP A 301 7.00 5.40 -17.70
CA ASP A 301 6.18 5.07 -16.51
C ASP A 301 6.42 3.62 -16.08
N GLU A 302 6.90 2.80 -17.01
CA GLU A 302 7.23 1.40 -16.74
C GLU A 302 8.59 1.31 -16.07
N LEU A 303 9.51 2.17 -16.48
CA LEU A 303 10.84 2.19 -15.87
C LEU A 303 10.65 2.63 -14.42
N LEU A 304 9.81 3.65 -14.19
CA LEU A 304 9.54 4.12 -12.82
C LEU A 304 9.08 3.00 -11.92
N LYS A 305 8.34 2.05 -12.49
CA LYS A 305 7.86 0.91 -11.71
C LYS A 305 9.08 0.13 -11.23
N GLU A 306 9.94 -0.26 -12.16
CA GLU A 306 11.17 -1.00 -11.86
C GLU A 306 12.05 -0.23 -10.86
N ALA A 307 12.29 1.04 -11.15
CA ALA A 307 13.10 1.90 -10.30
C ALA A 307 12.64 1.85 -8.85
N ILE A 308 11.35 2.07 -8.62
CA ILE A 308 10.82 2.04 -7.28
C ILE A 308 10.94 0.65 -6.67
N LYS A 309 10.63 -0.39 -7.44
CA LYS A 309 10.75 -1.76 -6.96
C LYS A 309 12.18 -1.90 -6.44
N TYR A 310 13.12 -1.61 -7.31
CA TYR A 310 14.54 -1.67 -7.01
C TYR A 310 14.90 -0.90 -5.75
N ILE A 311 14.62 0.40 -5.76
CA ILE A 311 14.93 1.27 -4.63
C ILE A 311 14.46 0.77 -3.25
N GLU A 312 13.17 0.50 -3.08
CA GLU A 312 12.61 0.00 -1.80
C GLU A 312 13.12 -1.39 -1.41
N ASP A 313 13.40 -2.22 -2.41
CA ASP A 313 13.89 -3.58 -2.18
C ASP A 313 15.21 -3.59 -1.41
N THR B 9 4.55 14.92 -28.03
CA THR B 9 4.59 15.73 -26.82
C THR B 9 5.27 17.07 -27.05
N TYR B 10 5.15 17.92 -26.05
CA TYR B 10 5.77 19.24 -26.10
C TYR B 10 7.27 19.08 -26.33
N ILE B 11 7.88 18.13 -25.61
CA ILE B 11 9.31 17.91 -25.77
C ILE B 11 9.70 17.32 -27.12
N GLN B 12 8.89 16.41 -27.63
CA GLN B 12 9.21 15.82 -28.94
C GLN B 12 9.16 16.92 -29.96
N LEU B 13 8.09 17.70 -29.95
CA LEU B 13 7.98 18.78 -30.88
C LEU B 13 9.25 19.62 -30.82
N LEU B 14 9.58 20.12 -29.63
CA LEU B 14 10.78 20.97 -29.48
C LEU B 14 12.08 20.31 -29.94
N ASN B 15 12.30 19.05 -29.60
CA ASN B 15 13.52 18.35 -30.02
C ASN B 15 13.60 18.17 -31.53
N GLU B 16 12.53 17.70 -32.15
CA GLU B 16 12.57 17.52 -33.60
C GLU B 16 12.71 18.83 -34.33
N THR B 17 12.09 19.87 -33.80
CA THR B 17 12.18 21.14 -34.46
C THR B 17 13.65 21.54 -34.51
N LEU B 18 14.32 21.52 -33.35
CA LEU B 18 15.76 21.82 -33.28
C LEU B 18 16.52 20.90 -34.24
N HIS B 19 16.30 19.61 -34.16
CA HIS B 19 16.98 18.68 -35.06
C HIS B 19 16.88 19.19 -36.48
N CYS B 20 15.67 19.51 -36.90
CA CYS B 20 15.39 19.99 -38.25
C CYS B 20 16.17 21.27 -38.58
N TYR B 21 16.46 22.09 -37.58
CA TYR B 21 17.21 23.32 -37.79
C TYR B 21 18.61 22.96 -38.25
N ALA B 22 19.21 21.99 -37.58
CA ALA B 22 20.55 21.53 -37.91
C ALA B 22 20.54 20.72 -39.20
N SER B 23 19.61 19.78 -39.29
CA SER B 23 19.46 18.91 -40.45
C SER B 23 19.23 19.73 -41.71
N LYS B 24 18.14 20.48 -41.72
CA LYS B 24 17.75 21.32 -42.85
C LYS B 24 17.96 22.76 -42.41
N GLY B 25 17.46 23.74 -43.16
CA GLY B 25 17.64 25.13 -42.76
C GLY B 25 16.69 25.65 -41.68
N SER B 26 16.80 26.93 -41.39
CA SER B 26 15.92 27.56 -40.39
C SER B 26 14.52 27.71 -40.99
N LEU B 27 14.47 27.70 -42.31
CA LEU B 27 13.21 27.82 -43.03
C LEU B 27 12.38 26.55 -42.90
N GLU B 28 13.05 25.42 -43.06
CA GLU B 28 12.40 24.12 -43.00
C GLU B 28 11.94 23.84 -41.59
N ALA B 29 12.79 24.21 -40.63
CA ALA B 29 12.46 24.01 -39.23
C ALA B 29 11.25 24.85 -38.84
N TYR B 30 11.16 26.06 -39.41
CA TYR B 30 10.04 26.96 -39.16
C TYR B 30 8.79 26.30 -39.75
N THR B 31 8.94 25.81 -40.97
CA THR B 31 7.85 25.11 -41.62
C THR B 31 7.47 23.89 -40.78
N TYR B 32 8.45 23.20 -40.20
CA TYR B 32 8.14 22.00 -39.41
C TYR B 32 7.26 22.29 -38.21
N ILE B 33 7.71 23.21 -37.36
CA ILE B 33 6.97 23.56 -36.17
C ILE B 33 5.59 24.13 -36.48
N GLU B 35 3.46 23.24 -38.78
CA GLU B 35 2.60 22.07 -38.98
C GLU B 35 2.35 21.17 -37.77
N HIS B 36 3.36 20.97 -36.94
CA HIS B 36 3.22 20.07 -35.82
C HIS B 36 2.86 20.68 -34.48
N ALA B 37 3.01 21.99 -34.34
CA ALA B 37 2.70 22.65 -33.07
C ALA B 37 1.22 22.59 -32.73
N LYS B 38 0.37 22.62 -33.75
CA LYS B 38 -1.08 22.59 -33.55
C LYS B 38 -1.62 21.48 -32.66
N GLY B 39 -2.22 21.92 -31.55
CA GLY B 39 -2.84 21.03 -30.58
C GLY B 39 -1.98 20.69 -29.39
N ILE B 40 -0.67 20.76 -29.56
CA ILE B 40 0.27 20.42 -28.49
C ILE B 40 0.24 21.38 -27.32
N VAL B 41 -0.01 20.82 -26.13
CA VAL B 41 -0.08 21.57 -24.88
C VAL B 41 1.33 21.68 -24.29
N GLY B 42 1.56 22.63 -23.38
CA GLY B 42 2.87 22.76 -22.74
C GLY B 42 3.26 24.12 -22.20
N ASN B 43 3.82 24.97 -23.07
CA ASN B 43 4.22 26.33 -22.72
C ASN B 43 4.21 27.03 -24.06
N GLU B 44 3.16 27.81 -24.29
CA GLU B 44 3.03 28.50 -25.54
C GLU B 44 4.12 29.52 -25.76
N ALA B 45 4.45 30.26 -24.71
CA ALA B 45 5.49 31.28 -24.77
C ALA B 45 6.71 30.70 -25.46
N GLN B 46 7.13 29.53 -24.99
CA GLN B 46 8.28 28.84 -25.55
C GLN B 46 8.04 28.45 -27.00
N ILE B 47 6.80 28.04 -27.30
CA ILE B 47 6.45 27.67 -28.68
C ILE B 47 6.50 28.90 -29.58
N TYR B 48 5.99 30.03 -29.12
CA TYR B 48 6.06 31.26 -29.93
C TYR B 48 7.48 31.72 -30.15
N ASN B 49 8.31 31.62 -29.10
CA ASN B 49 9.67 32.06 -29.21
C ASN B 49 10.26 31.28 -30.35
N PHE B 50 10.13 29.96 -30.31
CA PHE B 50 10.65 29.14 -31.42
C PHE B 50 10.13 29.59 -32.78
N LYS B 51 8.84 29.86 -32.87
CA LYS B 51 8.28 30.29 -34.15
C LYS B 51 8.87 31.58 -34.72
N TYR B 52 8.81 32.66 -33.97
CA TYR B 52 9.33 33.92 -34.51
C TYR B 52 10.87 33.93 -34.65
N ALA B 53 11.56 33.21 -33.79
CA ALA B 53 13.02 33.15 -33.89
C ALA B 53 13.38 32.46 -35.21
N LEU B 54 12.70 31.36 -35.51
CA LEU B 54 12.98 30.65 -36.77
C LEU B 54 12.58 31.49 -37.98
N ALA B 55 11.48 32.22 -37.84
CA ALA B 55 11.00 33.07 -38.90
C ALA B 55 12.05 34.11 -39.22
N SER B 56 12.46 34.84 -38.18
CA SER B 56 13.46 35.90 -38.33
C SER B 56 14.77 35.35 -38.87
N ALA B 57 15.22 34.22 -38.35
CA ALA B 57 16.45 33.62 -38.83
C ALA B 57 16.34 33.27 -40.32
N ALA B 58 15.26 32.59 -40.68
CA ALA B 58 15.04 32.21 -42.08
C ALA B 58 14.98 33.40 -43.06
N GLY B 59 14.61 34.57 -42.56
CA GLY B 59 14.52 35.76 -43.39
C GLY B 59 13.10 36.22 -43.58
N LEU B 60 12.16 35.57 -42.89
CA LEU B 60 10.73 35.91 -42.97
C LEU B 60 10.47 36.91 -41.88
N GLU B 61 10.99 38.11 -42.11
CA GLU B 61 10.90 39.20 -41.17
C GLU B 61 9.47 39.59 -40.83
N GLU B 62 8.65 39.73 -41.86
CA GLU B 62 7.24 40.10 -41.69
C GLU B 62 6.47 39.05 -40.88
N GLU B 63 6.66 37.80 -41.22
CA GLU B 63 6.01 36.72 -40.51
C GLU B 63 6.38 36.84 -39.04
N ALA B 64 7.69 36.88 -38.78
CA ALA B 64 8.22 37.01 -37.42
C ALA B 64 7.58 38.13 -36.60
N HIS B 66 4.53 39.65 -36.74
CA HIS B 66 3.17 39.37 -36.24
C HIS B 66 3.14 38.17 -35.27
N VAL B 67 4.11 37.26 -35.39
CA VAL B 67 4.20 36.12 -34.49
C VAL B 67 4.55 36.74 -33.14
N LYS B 69 4.30 39.93 -32.19
CA LYS B 69 3.16 40.75 -31.72
C LYS B 69 2.13 39.92 -31.00
N GLU B 70 1.68 38.86 -31.62
CA GLU B 70 0.68 38.02 -31.00
C GLU B 70 1.12 37.61 -29.60
N ALA B 71 2.22 36.87 -29.55
CA ALA B 71 2.79 36.38 -28.30
C ALA B 71 2.86 37.41 -27.19
N ILE B 72 3.46 38.54 -27.50
CA ILE B 72 3.65 39.60 -26.53
C ILE B 72 2.46 40.53 -26.36
N ILE B 73 1.86 40.94 -27.47
CA ILE B 73 0.72 41.84 -27.39
C ILE B 73 -0.55 41.09 -26.98
N GLU B 74 -1.03 40.26 -27.90
CA GLU B 74 -2.26 39.53 -27.70
C GLU B 74 -2.26 38.55 -26.52
N LYS B 75 -1.23 37.73 -26.41
CA LYS B 75 -1.19 36.78 -25.30
C LYS B 75 -0.49 37.26 -24.03
N GLY B 76 0.13 38.43 -24.11
CA GLY B 76 0.82 39.01 -22.96
C GLY B 76 2.03 38.29 -22.36
N PHE B 77 2.79 37.53 -23.15
CA PHE B 77 3.96 36.85 -22.60
C PHE B 77 5.15 37.79 -22.67
N TRP B 78 6.28 37.38 -22.08
CA TRP B 78 7.50 38.20 -22.11
C TRP B 78 8.72 37.28 -22.17
N TYR B 79 9.85 37.82 -22.65
CA TYR B 79 11.11 37.07 -22.75
C TYR B 79 12.26 37.92 -22.23
N GLY B 80 13.37 37.26 -21.91
CA GLY B 80 14.58 37.93 -21.38
C GLY B 80 15.04 39.13 -22.17
N ASN B 81 15.44 40.18 -21.46
CA ASN B 81 15.89 41.38 -22.13
C ASN B 81 17.15 41.10 -22.89
N GLU B 82 18.12 40.49 -22.21
CA GLU B 82 19.42 40.19 -22.82
C GLU B 82 19.20 39.34 -24.05
N TYR B 83 18.41 38.29 -23.92
CA TYR B 83 18.12 37.48 -25.07
C TYR B 83 17.56 38.35 -26.21
N LEU B 84 16.49 39.06 -25.92
CA LEU B 84 15.87 39.91 -26.92
C LEU B 84 16.83 40.80 -27.66
N ILE B 85 17.62 41.58 -26.93
CA ILE B 85 18.56 42.49 -27.58
C ILE B 85 19.91 41.87 -27.98
N SER B 86 20.07 40.56 -27.83
CA SER B 86 21.33 39.92 -28.20
C SER B 86 21.22 38.66 -29.04
N ASP B 87 20.04 38.05 -29.15
CA ASP B 87 19.95 36.84 -29.96
C ASP B 87 20.22 37.26 -31.40
N ASP B 88 21.16 36.58 -32.05
CA ASP B 88 21.54 36.89 -33.43
C ASP B 88 20.40 36.68 -34.42
N ASP B 89 19.63 35.61 -34.21
CA ASP B 89 18.51 35.31 -35.08
C ASP B 89 17.47 36.42 -35.15
N LEU B 90 17.46 37.29 -34.15
CA LEU B 90 16.50 38.39 -34.09
C LEU B 90 17.01 39.73 -34.61
N LYS B 91 18.29 39.81 -34.97
CA LYS B 91 18.84 41.08 -35.45
C LYS B 91 18.03 41.74 -36.60
N PRO B 92 17.56 40.94 -37.57
CA PRO B 92 16.78 41.48 -38.70
C PRO B 92 15.51 42.24 -38.32
N LEU B 93 15.13 42.16 -37.05
CA LEU B 93 13.95 42.82 -36.55
C LEU B 93 14.21 44.21 -35.95
N HIS B 94 15.47 44.52 -35.60
CA HIS B 94 15.80 45.84 -34.99
C HIS B 94 15.40 47.03 -35.85
N LYS B 95 15.26 46.81 -37.14
CA LYS B 95 14.86 47.88 -38.04
C LYS B 95 13.48 48.37 -37.63
N PHE B 96 12.61 47.45 -37.29
CA PHE B 96 11.22 47.77 -36.95
C PHE B 96 11.02 48.48 -35.61
N GLU B 97 10.13 49.48 -35.62
CA GLU B 97 9.83 50.22 -34.40
C GLU B 97 8.93 49.35 -33.52
N GLU B 98 8.07 48.55 -34.14
CA GLU B 98 7.21 47.67 -33.36
C GLU B 98 8.08 46.76 -32.52
N PHE B 99 9.28 46.45 -33.03
CA PHE B 99 10.19 45.59 -32.31
C PHE B 99 10.64 46.23 -31.01
N HIS B 100 10.98 47.52 -31.05
CA HIS B 100 11.41 48.20 -29.83
C HIS B 100 10.27 48.25 -28.83
N GLN B 101 9.04 48.35 -29.35
CA GLN B 101 7.86 48.36 -28.50
C GLN B 101 7.77 47.08 -27.68
N VAL B 103 10.25 44.93 -27.08
CA VAL B 103 11.40 44.90 -26.18
C VAL B 103 11.08 45.61 -24.87
N GLN B 104 10.61 46.83 -25.00
CA GLN B 104 10.31 47.62 -23.83
C GLN B 104 9.16 47.01 -23.04
N LEU B 105 8.19 46.45 -23.75
CA LEU B 105 7.05 45.87 -23.09
C LEU B 105 7.52 44.67 -22.28
N CYS B 106 8.39 43.85 -22.85
CA CYS B 106 8.92 42.68 -22.14
C CYS B 106 9.80 43.06 -20.95
N LYS B 107 10.63 44.08 -21.13
CA LYS B 107 11.51 44.53 -20.07
C LYS B 107 10.71 44.82 -18.82
N GLU B 108 9.62 45.54 -19.00
CA GLU B 108 8.72 45.89 -17.94
C GLU B 108 8.21 44.64 -17.25
N ARG B 109 7.59 43.77 -18.03
CA ARG B 109 7.04 42.52 -17.50
C ARG B 109 8.11 41.68 -16.83
N GLU B 110 9.34 41.77 -17.31
CA GLU B 110 10.47 41.00 -16.75
C GLU B 110 10.90 41.54 -15.40
N GLU B 111 11.14 42.85 -15.34
CA GLU B 111 11.55 43.49 -14.09
C GLU B 111 10.56 43.14 -12.99
N LEU B 112 9.28 43.24 -13.33
CA LEU B 112 8.19 42.93 -12.42
C LEU B 112 8.20 41.47 -12.03
N ALA B 113 8.30 40.60 -13.02
CA ALA B 113 8.30 39.17 -12.80
C ALA B 113 9.47 38.71 -11.96
N LYS B 114 10.63 39.36 -12.09
CA LYS B 114 11.80 38.96 -11.32
C LYS B 114 11.72 39.37 -9.87
N LYS B 115 11.19 40.56 -9.59
CA LYS B 115 11.10 40.98 -8.19
C LYS B 115 10.11 40.07 -7.49
N THR B 116 9.16 39.55 -8.26
CA THR B 116 8.11 38.67 -7.74
C THR B 116 8.44 37.17 -7.71
N GLU B 117 9.66 36.78 -8.07
CA GLU B 117 10.02 35.36 -8.04
C GLU B 117 9.58 34.78 -6.71
N ARG B 118 9.18 33.51 -6.71
CA ARG B 118 8.77 32.84 -5.49
C ARG B 118 8.70 31.37 -5.76
N ALA B 119 9.02 30.58 -4.75
CA ALA B 119 8.96 29.14 -4.88
C ALA B 119 7.50 28.74 -4.92
N ASP B 120 7.24 27.56 -5.49
CA ASP B 120 5.90 27.06 -5.57
C ASP B 120 6.04 25.56 -5.67
N VAL B 121 5.02 24.84 -5.24
CA VAL B 121 5.06 23.40 -5.28
C VAL B 121 3.65 22.91 -5.36
N LYS B 122 3.48 21.77 -6.01
CA LYS B 122 2.17 21.16 -6.15
C LYS B 122 2.27 19.77 -5.63
N TYR B 123 1.39 19.43 -4.69
CA TYR B 123 1.34 18.08 -4.12
C TYR B 123 0.15 17.36 -4.73
N ILE B 124 0.34 16.07 -4.98
CA ILE B 124 -0.70 15.20 -5.54
C ILE B 124 -0.71 13.96 -4.65
N ASP B 125 -1.49 14.03 -3.58
CA ASP B 125 -1.60 12.92 -2.61
C ASP B 125 -2.08 11.61 -3.24
N SER B 126 -1.61 10.51 -2.66
CA SER B 126 -1.97 9.17 -3.12
C SER B 126 -3.34 8.79 -2.57
N LYS B 127 -3.90 7.70 -3.05
CA LYS B 127 -5.24 7.28 -2.63
C LYS B 127 -5.25 6.33 -1.42
N LYS B 128 -4.09 5.79 -1.08
CA LYS B 128 -3.95 4.85 0.03
C LYS B 128 -4.72 3.56 -0.21
N LYS B 129 -4.01 2.61 -0.83
CA LYS B 129 -4.55 1.30 -1.15
C LYS B 129 -4.79 0.49 0.13
N GLU B 130 -5.95 0.72 0.73
CA GLU B 130 -6.34 0.03 1.97
C GLU B 130 -6.80 -1.43 1.71
N LYS B 131 -6.11 -2.39 2.32
CA LYS B 131 -6.44 -3.82 2.15
C LYS B 131 -7.16 -4.31 3.42
N LEU B 132 -8.10 -5.23 3.27
CA LEU B 132 -8.84 -5.75 4.43
C LEU B 132 -8.76 -7.24 4.55
N PHE B 133 -8.70 -7.71 5.78
CA PHE B 133 -8.64 -9.13 6.05
C PHE B 133 -9.60 -9.39 7.20
N ILE B 134 -10.54 -10.31 7.02
CA ILE B 134 -11.47 -10.57 8.09
C ILE B 134 -11.28 -11.99 8.56
N ALA B 135 -11.01 -12.17 9.84
CA ALA B 135 -10.82 -13.50 10.38
C ALA B 135 -11.99 -13.83 11.27
N HIS B 137 -13.44 -16.23 14.27
CA HIS B 137 -13.18 -17.16 15.35
C HIS B 137 -14.04 -18.41 15.30
N GLY B 138 -13.63 -19.43 16.04
CA GLY B 138 -14.33 -20.70 16.14
C GLY B 138 -15.38 -20.68 17.24
N ASP B 139 -16.16 -21.76 17.38
CA ASP B 139 -17.18 -21.75 18.42
C ASP B 139 -16.52 -21.71 19.76
N GLN B 140 -17.18 -21.04 20.70
CA GLN B 140 -16.69 -20.92 22.07
C GLN B 140 -15.41 -20.12 22.19
N GLU B 141 -15.23 -19.19 21.28
CA GLU B 141 -14.06 -18.35 21.27
C GLU B 141 -14.50 -16.89 21.35
N ASN B 142 -13.59 -15.98 21.00
CA ASN B 142 -13.85 -14.57 21.02
C ASN B 142 -12.70 -13.90 20.33
N ILE B 143 -12.65 -12.58 20.41
CA ILE B 143 -11.57 -11.83 19.75
C ILE B 143 -10.19 -12.04 20.39
N ALA B 144 -10.11 -12.17 21.70
CA ALA B 144 -8.80 -12.36 22.32
C ALA B 144 -8.13 -13.64 21.86
N ILE B 145 -8.93 -14.70 21.78
CA ILE B 145 -8.45 -16.03 21.41
C ILE B 145 -8.07 -16.24 19.95
N VAL B 146 -8.70 -15.52 19.06
CA VAL B 146 -8.41 -15.70 17.65
C VAL B 146 -7.38 -14.68 17.12
N GLU B 147 -7.23 -13.55 17.79
CA GLU B 147 -6.29 -12.53 17.34
C GLU B 147 -4.85 -13.04 17.15
N PRO B 148 -4.29 -13.75 18.14
CA PRO B 148 -2.90 -14.20 18.01
C PRO B 148 -2.55 -14.99 16.75
N TYR B 149 -3.51 -15.76 16.21
CA TYR B 149 -3.22 -16.57 15.03
C TYR B 149 -3.32 -15.82 13.72
N TRP B 150 -3.91 -14.62 13.73
CA TRP B 150 -4.09 -13.87 12.47
C TRP B 150 -3.45 -12.51 12.51
N LYS B 151 -2.74 -12.23 13.60
CA LYS B 151 -2.07 -10.94 13.79
C LYS B 151 -1.03 -10.64 12.71
N SER B 152 -0.35 -11.68 12.21
CA SER B 152 0.69 -11.53 11.19
C SER B 152 0.25 -11.07 9.80
N VAL B 153 -1.01 -10.70 9.61
CA VAL B 153 -1.48 -10.22 8.31
C VAL B 153 -1.11 -8.75 8.12
N LEU B 154 -0.74 -8.08 9.21
CA LEU B 154 -0.38 -6.67 9.13
C LEU B 154 0.94 -6.55 8.36
N ASP B 155 1.74 -7.60 8.43
CA ASP B 155 3.03 -7.68 7.75
C ASP B 155 2.85 -7.66 6.22
N GLN B 156 1.62 -7.85 5.76
CA GLN B 156 1.30 -7.86 4.34
C GLN B 156 0.41 -6.68 3.99
N ASP B 157 0.49 -5.66 4.83
CA ASP B 157 -0.24 -4.41 4.68
C ASP B 157 -1.76 -4.56 4.76
N TYR B 158 -2.24 -5.50 5.56
CA TYR B 158 -3.68 -5.72 5.70
C TYR B 158 -4.27 -5.27 7.01
N THR B 159 -5.38 -4.52 6.93
CA THR B 159 -6.09 -4.06 8.11
C THR B 159 -6.84 -5.30 8.57
N LEU B 160 -6.74 -5.65 9.84
CA LEU B 160 -7.38 -6.86 10.35
C LEU B 160 -8.65 -6.59 11.11
N ALA B 161 -9.73 -7.17 10.64
CA ALA B 161 -11.02 -7.01 11.28
C ALA B 161 -11.32 -8.34 11.93
N LEU B 162 -11.63 -8.33 13.22
CA LEU B 162 -11.97 -9.55 13.93
C LEU B 162 -13.40 -9.39 14.46
N PRO B 163 -14.37 -10.02 13.80
CA PRO B 163 -15.76 -9.92 14.26
C PRO B 163 -16.06 -10.91 15.36
N GLN B 164 -16.97 -10.57 16.23
CA GLN B 164 -17.36 -11.45 17.32
C GLN B 164 -18.87 -11.68 17.21
N SER B 165 -19.28 -12.94 17.31
CA SER B 165 -20.68 -13.30 17.20
C SER B 165 -21.48 -12.82 18.40
N SER B 166 -22.72 -12.48 18.15
CA SER B 166 -23.60 -12.04 19.20
C SER B 166 -24.16 -13.24 19.99
N GLN B 167 -24.01 -14.45 19.45
CA GLN B 167 -24.55 -15.64 20.10
C GLN B 167 -23.63 -16.11 21.22
N ILE B 168 -23.95 -15.67 22.44
CA ILE B 168 -23.17 -15.99 23.64
C ILE B 168 -23.66 -17.29 24.32
N GLN B 169 -22.72 -18.15 24.70
CA GLN B 169 -23.01 -19.44 25.33
C GLN B 169 -22.62 -19.47 26.81
N PHE B 170 -21.64 -18.64 27.17
CA PHE B 170 -21.14 -18.50 28.54
C PHE B 170 -20.20 -17.29 28.55
N SER B 171 -19.84 -16.83 29.75
CA SER B 171 -18.96 -15.68 29.90
C SER B 171 -17.80 -15.68 28.91
N ASP B 172 -17.76 -14.68 28.06
CA ASP B 172 -16.70 -14.51 27.05
C ASP B 172 -16.57 -15.65 26.00
N GLY B 173 -17.58 -16.51 25.87
CA GLY B 173 -17.56 -17.61 24.88
C GLY B 173 -18.67 -17.37 23.86
N PHE B 174 -18.34 -17.31 22.59
CA PHE B 174 -19.32 -17.04 21.56
C PHE B 174 -19.40 -18.12 20.45
N VAL B 175 -20.57 -18.31 19.83
CA VAL B 175 -20.75 -19.34 18.80
C VAL B 175 -21.46 -18.94 17.53
N TRP B 176 -21.23 -19.72 16.47
CA TRP B 176 -21.85 -19.49 15.15
C TRP B 176 -22.97 -20.51 14.83
N ASP B 177 -23.71 -20.94 15.86
CA ASP B 177 -24.79 -21.92 15.70
C ASP B 177 -25.76 -21.56 14.59
N ASP B 178 -26.40 -20.41 14.79
CA ASP B 178 -27.37 -19.82 13.89
C ASP B 178 -26.59 -19.14 12.79
N ILE B 179 -26.27 -19.90 11.74
CA ILE B 179 -25.49 -19.36 10.62
C ILE B 179 -26.12 -18.21 9.86
N GLN B 180 -27.35 -17.84 10.20
CA GLN B 180 -28.01 -16.75 9.50
C GLN B 180 -27.60 -15.45 10.10
N ARG B 181 -27.76 -15.34 11.42
CA ARG B 181 -27.39 -14.12 12.13
C ARG B 181 -25.92 -13.86 11.80
N GLY B 182 -25.12 -14.93 11.76
CA GLY B 182 -23.73 -14.83 11.44
C GLY B 182 -23.52 -14.16 10.11
N LYS B 183 -24.13 -14.69 9.07
CA LYS B 183 -24.00 -14.13 7.74
C LYS B 183 -24.43 -12.67 7.76
N GLU B 184 -25.52 -12.38 8.47
CA GLU B 184 -26.05 -11.01 8.56
C GLU B 184 -25.06 -10.08 9.17
N GLU B 185 -24.60 -10.43 10.37
CA GLU B 185 -23.60 -9.63 11.09
C GLU B 185 -22.38 -9.43 10.22
N LEU B 186 -21.85 -10.51 9.67
CA LEU B 186 -20.70 -10.43 8.81
C LEU B 186 -20.91 -9.41 7.71
N LYS B 187 -22.13 -9.29 7.22
CA LYS B 187 -22.45 -8.32 6.17
C LYS B 187 -22.44 -6.93 6.75
N GLU B 188 -23.09 -6.78 7.91
CA GLU B 188 -23.18 -5.50 8.59
C GLU B 188 -21.80 -4.94 8.82
N HIS B 189 -20.88 -5.74 9.37
CA HIS B 189 -19.54 -5.27 9.60
C HIS B 189 -18.87 -4.88 8.29
N TYR B 190 -18.97 -5.75 7.30
CA TYR B 190 -18.38 -5.51 5.98
C TYR B 190 -18.95 -4.26 5.30
N VAL B 191 -20.27 -4.12 5.29
CA VAL B 191 -20.88 -2.94 4.67
C VAL B 191 -20.32 -1.68 5.33
N LYS B 192 -20.47 -1.59 6.64
CA LYS B 192 -19.96 -0.46 7.41
C LYS B 192 -18.52 -0.11 7.05
N PHE B 193 -17.69 -1.12 6.85
CA PHE B 193 -16.29 -0.89 6.51
C PHE B 193 -16.10 -0.29 5.13
N ILE B 194 -16.73 -0.85 4.11
CA ILE B 194 -16.56 -0.30 2.76
C ILE B 194 -17.26 1.04 2.54
N GLU B 195 -18.36 1.29 3.28
CA GLU B 195 -19.12 2.55 3.17
C GLU B 195 -18.28 3.79 3.41
N ASN B 196 -17.42 3.69 4.42
CA ASN B 196 -16.56 4.78 4.83
C ASN B 196 -15.11 4.54 4.42
N HIS B 197 -14.90 3.79 3.35
CA HIS B 197 -13.56 3.49 2.86
C HIS B 197 -13.55 3.12 1.38
N ARG B 198 -14.05 1.92 1.10
CA ARG B 198 -14.10 1.31 -0.23
C ARG B 198 -12.71 0.88 -0.65
N GLY B 199 -12.22 -0.15 0.04
CA GLY B 199 -10.91 -0.73 -0.21
C GLY B 199 -10.77 -1.57 -1.46
N GLU B 200 -9.52 -1.94 -1.73
CA GLU B 200 -9.15 -2.76 -2.87
C GLU B 200 -9.24 -4.27 -2.59
N SER B 201 -8.15 -4.88 -2.14
CA SER B 201 -8.14 -6.32 -1.88
C SER B 201 -8.83 -6.72 -0.58
N VAL B 202 -9.54 -7.85 -0.61
CA VAL B 202 -10.24 -8.39 0.58
C VAL B 202 -10.12 -9.92 0.66
N ILE B 203 -9.59 -10.41 1.77
CA ILE B 203 -9.42 -11.82 2.00
C ILE B 203 -10.14 -12.17 3.29
N ILE B 204 -10.92 -13.25 3.30
CA ILE B 204 -11.60 -13.63 4.52
C ILE B 204 -11.08 -14.97 4.98
N GLY B 205 -10.73 -15.05 6.26
CA GLY B 205 -10.21 -16.25 6.87
C GLY B 205 -11.12 -16.68 8.00
N GLY B 206 -10.98 -17.94 8.42
CA GLY B 206 -11.79 -18.47 9.53
C GLY B 206 -11.25 -19.77 10.06
N PHE B 207 -11.75 -20.18 11.22
CA PHE B 207 -11.36 -21.40 11.89
C PHE B 207 -12.66 -22.16 12.28
N SER B 208 -12.79 -23.43 11.86
CA SER B 208 -14.01 -24.26 12.13
C SER B 208 -15.28 -23.51 11.72
N ALA B 209 -16.27 -23.47 12.61
CA ALA B 209 -17.53 -22.79 12.41
C ALA B 209 -17.32 -21.41 11.92
N GLY B 210 -16.18 -20.82 12.24
CA GLY B 210 -15.92 -19.48 11.79
C GLY B 210 -15.82 -19.54 10.30
N ALA B 211 -15.04 -20.49 9.82
CA ALA B 211 -14.86 -20.64 8.40
C ALA B 211 -16.21 -20.96 7.71
N ARG B 212 -17.12 -21.63 8.42
CA ARG B 212 -18.43 -21.98 7.87
C ARG B 212 -19.23 -20.75 7.47
N VAL B 213 -19.42 -19.83 8.42
CA VAL B 213 -20.17 -18.61 8.16
C VAL B 213 -19.47 -17.81 7.06
N ALA B 214 -18.14 -17.82 7.10
CA ALA B 214 -17.38 -17.11 6.09
C ALA B 214 -17.75 -17.62 4.70
N LEU B 215 -17.79 -18.95 4.55
CA LEU B 215 -18.11 -19.52 3.27
C LEU B 215 -19.60 -19.30 2.90
N TYR B 216 -20.49 -19.41 3.87
CA TYR B 216 -21.90 -19.20 3.60
C TYR B 216 -22.12 -17.79 3.07
N THR B 217 -21.54 -16.82 3.76
CA THR B 217 -21.65 -15.41 3.39
C THR B 217 -21.17 -15.13 1.96
N ILE B 218 -19.97 -15.60 1.65
CA ILE B 218 -19.41 -15.42 0.32
C ILE B 218 -20.34 -15.90 -0.76
N LEU B 219 -20.86 -17.11 -0.60
CA LEU B 219 -21.74 -17.74 -1.57
C LEU B 219 -23.06 -17.03 -1.78
N HIS B 220 -23.56 -16.32 -0.77
CA HIS B 220 -24.79 -15.54 -0.90
C HIS B 220 -24.44 -14.13 -1.37
N LYS B 221 -23.23 -14.00 -1.91
CA LYS B 221 -22.70 -12.75 -2.43
C LYS B 221 -22.95 -11.57 -1.48
N ASP B 222 -22.91 -11.85 -0.19
CA ASP B 222 -23.13 -10.82 0.82
C ASP B 222 -21.84 -10.10 1.11
N ILE B 223 -20.76 -10.57 0.48
CA ILE B 223 -19.45 -9.99 0.65
C ILE B 223 -18.55 -10.30 -0.53
N ASP B 224 -17.90 -9.28 -1.07
CA ASP B 224 -17.00 -9.45 -2.19
C ASP B 224 -15.60 -9.72 -1.64
N VAL B 225 -15.04 -10.88 -1.99
CA VAL B 225 -13.73 -11.31 -1.54
C VAL B 225 -12.84 -11.79 -2.66
N ASP B 226 -11.55 -11.50 -2.55
CA ASP B 226 -10.57 -11.92 -3.54
C ASP B 226 -10.04 -13.32 -3.27
N GLY B 227 -10.07 -13.75 -2.02
CA GLY B 227 -9.60 -15.09 -1.66
C GLY B 227 -10.07 -15.48 -0.27
N PHE B 228 -9.86 -16.72 0.14
CA PHE B 228 -10.30 -17.13 1.47
C PHE B 228 -9.29 -18.10 2.04
N ILE B 229 -9.06 -18.02 3.34
CA ILE B 229 -8.08 -18.89 4.00
C ILE B 229 -8.68 -19.65 5.18
N PHE B 230 -9.08 -20.89 4.97
CA PHE B 230 -9.69 -21.65 6.05
C PHE B 230 -8.76 -22.60 6.76
N ALA B 232 -8.99 -25.79 9.30
CA ALA B 232 -9.87 -26.80 9.87
C ALA B 232 -11.36 -26.41 9.78
N PRO B 233 -11.79 -25.92 8.63
CA PRO B 233 -13.19 -25.53 8.45
C PRO B 233 -14.19 -26.65 8.74
N TRP B 234 -15.32 -26.25 9.32
CA TRP B 234 -16.37 -27.18 9.66
C TRP B 234 -17.48 -26.91 8.67
N LEU B 235 -17.65 -27.85 7.74
CA LEU B 235 -18.62 -27.73 6.67
C LEU B 235 -19.46 -28.98 6.59
N PRO B 236 -20.50 -29.08 7.44
CA PRO B 236 -21.40 -30.23 7.53
C PRO B 236 -22.46 -30.40 6.41
N GLU B 237 -22.74 -29.35 5.65
CA GLU B 237 -23.74 -29.42 4.59
C GLU B 237 -23.06 -29.15 3.27
N ILE B 238 -21.83 -29.66 3.11
CA ILE B 238 -21.08 -29.40 1.89
C ILE B 238 -21.81 -29.88 0.64
N ASP B 239 -22.54 -31.00 0.75
CA ASP B 239 -23.30 -31.50 -0.41
C ASP B 239 -24.47 -30.58 -0.73
N GLU B 240 -25.15 -30.11 0.31
CA GLU B 240 -26.30 -29.21 0.13
C GLU B 240 -25.93 -27.89 -0.56
N TRP B 241 -24.67 -27.49 -0.47
CA TRP B 241 -24.25 -26.24 -1.10
C TRP B 241 -23.62 -26.42 -2.48
N ASN B 242 -23.84 -27.56 -3.11
CA ASN B 242 -23.29 -27.84 -4.44
C ASN B 242 -23.64 -26.75 -5.47
N GLU B 243 -24.88 -26.27 -5.49
CA GLU B 243 -25.29 -25.25 -6.47
C GLU B 243 -24.58 -23.92 -6.17
N LEU B 244 -24.65 -23.50 -4.92
CA LEU B 244 -24.02 -22.25 -4.50
C LEU B 244 -22.52 -22.17 -4.70
N LEU B 245 -21.84 -23.31 -4.68
CA LEU B 245 -20.40 -23.33 -4.89
C LEU B 245 -20.01 -22.83 -6.29
N GLU B 246 -20.98 -22.74 -7.20
CA GLU B 246 -20.74 -22.24 -8.55
C GLU B 246 -20.15 -20.83 -8.46
N VAL B 247 -20.70 -20.05 -7.54
CA VAL B 247 -20.28 -18.68 -7.33
C VAL B 247 -18.75 -18.54 -7.32
N LEU B 248 -18.04 -19.58 -6.90
CA LEU B 248 -16.59 -19.53 -6.85
C LEU B 248 -15.88 -19.54 -8.22
N GLN B 249 -16.55 -20.10 -9.23
CA GLN B 249 -15.98 -20.19 -10.58
C GLN B 249 -16.42 -19.08 -11.52
N ASP B 250 -17.41 -18.28 -11.10
CA ASP B 250 -17.90 -17.20 -11.95
C ASP B 250 -17.32 -15.85 -11.50
N LYS B 251 -16.61 -15.83 -10.36
CA LYS B 251 -15.99 -14.59 -9.85
C LYS B 251 -14.47 -14.69 -9.66
N ASN B 252 -13.90 -15.83 -10.04
CA ASN B 252 -12.45 -16.06 -9.94
C ASN B 252 -11.87 -15.76 -8.56
N ILE B 253 -12.11 -16.66 -7.62
CA ILE B 253 -11.62 -16.50 -6.25
C ILE B 253 -10.65 -17.64 -5.94
N LYS B 254 -9.55 -17.32 -5.25
CA LYS B 254 -8.54 -18.33 -4.89
C LYS B 254 -8.74 -18.78 -3.44
N GLY B 255 -8.54 -20.06 -3.19
CA GLY B 255 -8.73 -20.62 -1.86
C GLY B 255 -7.49 -21.33 -1.32
N TYR B 256 -7.21 -21.11 -0.04
CA TYR B 256 -6.07 -21.74 0.60
C TYR B 256 -6.71 -22.39 1.80
N VAL B 257 -6.71 -23.71 1.82
CA VAL B 257 -7.30 -24.48 2.91
C VAL B 257 -6.22 -25.30 3.59
N VAL B 258 -6.29 -25.35 4.91
CA VAL B 258 -5.33 -26.08 5.68
C VAL B 258 -6.07 -26.89 6.71
N CYS B 259 -5.60 -28.10 6.97
CA CYS B 259 -6.21 -28.95 7.97
C CYS B 259 -5.23 -30.03 8.37
N GLY B 260 -5.30 -30.40 9.65
CA GLY B 260 -4.42 -31.43 10.20
C GLY B 260 -5.03 -32.81 10.08
N ASP B 261 -4.18 -33.79 9.74
CA ASP B 261 -4.59 -35.17 9.55
C ASP B 261 -5.02 -35.94 10.81
N GLN B 262 -5.10 -35.28 11.96
CA GLN B 262 -5.52 -35.94 13.22
C GLN B 262 -6.77 -35.24 13.76
N ASP B 263 -7.37 -34.39 12.92
CA ASP B 263 -8.55 -33.62 13.28
C ASP B 263 -9.81 -34.44 13.06
N GLU B 264 -10.17 -35.21 14.09
CA GLU B 264 -11.33 -36.08 14.04
C GLU B 264 -12.64 -35.43 13.59
N ASP B 265 -12.82 -34.13 13.87
CA ASP B 265 -14.05 -33.47 13.47
C ASP B 265 -14.02 -32.78 12.12
N CYS B 266 -12.88 -32.29 11.68
CA CYS B 266 -12.83 -31.54 10.42
C CYS B 266 -11.99 -32.01 9.26
N PHE B 267 -11.38 -33.19 9.32
CA PHE B 267 -10.58 -33.59 8.16
C PHE B 267 -11.53 -34.15 7.10
N GLU B 268 -12.65 -34.71 7.54
CA GLU B 268 -13.69 -35.25 6.66
C GLU B 268 -14.34 -34.22 5.74
N CYS B 269 -15.07 -33.28 6.33
CA CYS B 269 -15.68 -32.17 5.61
C CYS B 269 -14.67 -31.30 4.86
N THR B 270 -13.47 -31.13 5.41
CA THR B 270 -12.48 -30.31 4.74
C THR B 270 -12.02 -30.99 3.46
N GLN B 271 -11.90 -32.31 3.48
CA GLN B 271 -11.46 -33.02 2.27
C GLN B 271 -12.61 -33.11 1.25
N GLN B 272 -13.86 -33.23 1.73
CA GLN B 272 -15.02 -33.29 0.83
C GLN B 272 -15.13 -31.95 0.11
N PHE B 273 -14.91 -30.88 0.86
CA PHE B 273 -14.97 -29.54 0.31
C PHE B 273 -13.93 -29.36 -0.77
N VAL B 274 -12.69 -29.74 -0.46
CA VAL B 274 -11.60 -29.64 -1.43
C VAL B 274 -11.91 -30.43 -2.70
N GLN B 275 -12.63 -31.54 -2.54
CA GLN B 275 -13.01 -32.38 -3.67
C GLN B 275 -13.92 -31.60 -4.63
N VAL B 276 -14.90 -30.88 -4.08
CA VAL B 276 -15.79 -30.09 -4.89
C VAL B 276 -15.00 -28.96 -5.58
N LEU B 277 -14.08 -28.32 -4.85
CA LEU B 277 -13.28 -27.24 -5.44
C LEU B 277 -12.53 -27.73 -6.67
N LYS B 278 -12.13 -29.00 -6.66
CA LYS B 278 -11.42 -29.61 -7.79
C LYS B 278 -12.42 -29.94 -8.92
N ASP B 279 -13.57 -30.49 -8.54
CA ASP B 279 -14.64 -30.85 -9.47
C ASP B 279 -15.13 -29.61 -10.25
N LYS B 280 -15.17 -28.46 -9.58
CA LYS B 280 -15.63 -27.20 -10.19
C LYS B 280 -14.50 -26.30 -10.65
N ASN B 281 -13.33 -26.93 -10.77
CA ASN B 281 -12.09 -26.30 -11.21
C ASN B 281 -11.88 -24.89 -10.65
N ILE B 282 -11.86 -24.78 -9.31
CA ILE B 282 -11.66 -23.49 -8.64
C ILE B 282 -10.19 -23.43 -8.25
N GLU B 283 -9.47 -22.39 -8.68
CA GLU B 283 -8.05 -22.29 -8.35
C GLU B 283 -7.92 -22.30 -6.80
N HIS B 284 -7.18 -23.25 -6.26
CA HIS B 284 -7.03 -23.33 -4.81
C HIS B 284 -5.80 -24.15 -4.45
N GLU B 285 -5.58 -24.33 -3.15
CA GLU B 285 -4.45 -25.12 -2.68
C GLU B 285 -4.73 -25.66 -1.27
N PHE B 286 -4.78 -26.98 -1.15
CA PHE B 286 -5.04 -27.65 0.11
C PHE B 286 -3.77 -28.17 0.70
N LYS B 287 -3.61 -27.96 2.00
CA LYS B 287 -2.41 -28.40 2.67
C LYS B 287 -2.74 -29.15 3.93
N VAL B 288 -2.34 -30.40 3.95
CA VAL B 288 -2.55 -31.24 5.10
C VAL B 288 -1.29 -31.18 5.95
N VAL B 289 -1.43 -30.89 7.24
CA VAL B 289 -0.28 -30.83 8.10
C VAL B 289 -0.27 -32.12 8.88
N PRO B 290 0.83 -32.87 8.78
CA PRO B 290 0.89 -34.13 9.50
C PRO B 290 0.88 -34.00 11.03
N ASN B 291 0.33 -35.02 11.69
CA ASN B 291 0.24 -35.09 13.15
C ASN B 291 -0.61 -34.04 13.84
N LEU B 292 -1.00 -32.99 13.14
CA LEU B 292 -1.80 -31.91 13.72
C LEU B 292 -3.26 -32.29 13.96
N LYS B 293 -3.79 -31.91 15.12
CA LYS B 293 -5.19 -32.20 15.47
C LYS B 293 -6.03 -30.95 15.15
N HIS B 294 -7.07 -30.68 15.95
CA HIS B 294 -7.94 -29.52 15.72
C HIS B 294 -7.36 -28.30 16.40
N ASP B 295 -6.37 -27.73 15.70
CA ASP B 295 -5.65 -26.60 16.18
C ASP B 295 -4.89 -26.05 14.99
N TYR B 296 -4.32 -24.86 15.12
CA TYR B 296 -3.55 -24.28 14.03
C TYR B 296 -2.13 -24.85 14.08
N PRO B 297 -1.47 -24.95 12.90
CA PRO B 297 -0.08 -25.46 12.89
C PRO B 297 0.80 -24.48 13.62
N GLU B 298 1.91 -24.94 14.18
CA GLU B 298 2.77 -24.04 14.95
C GLU B 298 3.49 -22.98 14.07
N ASP B 299 3.61 -23.24 12.78
CA ASP B 299 4.20 -22.31 11.82
C ASP B 299 3.07 -21.77 10.93
N PHE B 300 1.91 -21.50 11.54
CA PHE B 300 0.76 -21.00 10.81
C PHE B 300 0.94 -19.60 10.21
N ASP B 301 1.70 -18.73 10.89
CA ASP B 301 1.93 -17.37 10.40
C ASP B 301 2.74 -17.40 9.09
N GLU B 302 3.48 -18.49 8.88
CA GLU B 302 4.27 -18.68 7.66
C GLU B 302 3.36 -19.12 6.54
N LEU B 303 2.36 -19.94 6.86
CA LEU B 303 1.41 -20.40 5.86
C LEU B 303 0.63 -19.18 5.40
N LEU B 304 0.25 -18.31 6.35
CA LEU B 304 -0.47 -17.07 5.99
C LEU B 304 0.31 -16.24 4.98
N LYS B 305 1.64 -16.26 5.08
CA LYS B 305 2.46 -15.51 4.14
C LYS B 305 2.23 -16.09 2.75
N GLU B 306 2.42 -17.41 2.59
CA GLU B 306 2.18 -18.07 1.30
C GLU B 306 0.78 -17.82 0.78
N ALA B 307 -0.20 -18.09 1.63
CA ALA B 307 -1.60 -17.91 1.28
C ALA B 307 -1.86 -16.56 0.65
N ILE B 308 -1.43 -15.51 1.32
CA ILE B 308 -1.63 -14.17 0.80
C ILE B 308 -0.87 -13.98 -0.51
N LYS B 309 0.37 -14.47 -0.56
CA LYS B 309 1.18 -14.37 -1.79
C LYS B 309 0.38 -14.96 -2.90
N TYR B 310 -0.03 -16.20 -2.68
CA TYR B 310 -0.84 -16.96 -3.63
C TYR B 310 -2.09 -16.20 -4.05
N ILE B 311 -2.93 -15.86 -3.07
CA ILE B 311 -4.20 -15.17 -3.31
C ILE B 311 -4.14 -13.92 -4.16
N GLU B 312 -3.39 -12.92 -3.76
CA GLU B 312 -3.43 -11.77 -4.62
C GLU B 312 -2.15 -11.14 -5.11
N ASP B 313 -1.09 -11.33 -4.34
CA ASP B 313 0.29 -11.05 -4.72
C ASP B 313 0.48 -11.66 -6.13
N LYS B 314 0.22 -12.96 -6.29
CA LYS B 314 0.51 -13.63 -7.57
C LYS B 314 -0.18 -12.89 -8.72
N SER B 315 -1.50 -12.80 -8.65
CA SER B 315 -2.28 -12.14 -9.70
C SER B 315 -3.40 -11.28 -9.09
#